data_9G3L
#
_entry.id   9G3L
#
_cell.length_a   51.019
_cell.length_b   80.160
_cell.length_c   52.429
_cell.angle_alpha   90.000
_cell.angle_beta   109.607
_cell.angle_gamma   90.000
#
_symmetry.space_group_name_H-M   'P 1 21 1'
#
loop_
_entity.id
_entity.type
_entity.pdbx_description
1 polymer 'Fucose-binding lectin PA-IIL'
2 non-polymer 'CALCIUM ION'
3 non-polymer 5-[3-(aminomethyl)phenyl]-~{N}-[(2~{S},3~{S},4~{R},5~{S},6~{S})-6-methyl-3,4,5-tris(oxidanyl)oxan-2-yl]furan-2-carboxamide
4 non-polymer beta-L-fucopyranosyl-1H-indole-6-carboxamide
5 water water
#
_entity_poly.entity_id   1
_entity_poly.type   'polypeptide(L)'
_entity_poly.pdbx_seq_one_letter_code
;ATQGVFTLPANTRFGVTAFANSSGTQTVNVLVNNETAATFSGQSTNNAVIGTQVLNSGSSGKVQVQVSVNGRPSDLVSAQ
VILTNELNFALVGSEDGTDNDYNDAVVVINWPLG
;
_entity_poly.pdbx_strand_id   A,B,C,D
#
# COMPACT_ATOMS: atom_id res chain seq x y z
N ALA A 1 -13.62 -4.51 -10.35
CA ALA A 1 -13.84 -4.80 -8.92
C ALA A 1 -14.43 -3.62 -8.17
N THR A 2 -15.20 -3.95 -7.13
CA THR A 2 -15.74 -2.94 -6.22
C THR A 2 -14.61 -2.12 -5.65
N GLN A 3 -14.82 -0.81 -5.60
CA GLN A 3 -13.81 0.07 -5.01
C GLN A 3 -14.53 1.07 -4.09
N GLY A 4 -13.79 1.65 -3.15
CA GLY A 4 -14.35 2.65 -2.25
C GLY A 4 -15.09 2.04 -1.07
N VAL A 5 -15.00 0.70 -0.89
CA VAL A 5 -15.66 0.03 0.22
C VAL A 5 -14.60 -0.54 1.16
N PHE A 6 -14.80 -0.30 2.45
CA PHE A 6 -13.81 -0.71 3.45
C PHE A 6 -14.54 -1.29 4.66
N THR A 7 -13.92 -2.33 5.27
CA THR A 7 -14.44 -2.90 6.50
C THR A 7 -13.51 -2.40 7.59
N LEU A 8 -14.06 -1.58 8.51
CA LEU A 8 -13.31 -1.09 9.65
C LEU A 8 -13.67 -1.92 10.86
N PRO A 9 -12.86 -1.89 11.93
CA PRO A 9 -13.27 -2.49 13.20
C PRO A 9 -14.56 -1.82 13.63
N ALA A 10 -15.43 -2.60 14.29
CA ALA A 10 -16.72 -2.13 14.70
C ALA A 10 -16.59 -1.03 15.75
N ASN A 11 -17.54 -0.08 15.75
CA ASN A 11 -17.62 0.92 16.81
C ASN A 11 -16.32 1.67 17.05
N THR A 12 -15.64 2.07 15.97
CA THR A 12 -14.34 2.73 16.07
C THR A 12 -14.46 4.08 15.35
N ARG A 13 -13.94 5.13 16.00
CA ARG A 13 -13.84 6.44 15.40
C ARG A 13 -12.81 6.37 14.27
N PHE A 14 -13.14 7.12 13.20
CA PHE A 14 -12.20 7.26 12.10
C PHE A 14 -12.35 8.64 11.50
N GLY A 15 -11.25 9.14 10.91
CA GLY A 15 -11.27 10.40 10.20
C GLY A 15 -11.55 10.17 8.71
N VAL A 16 -12.25 11.14 8.10
CA VAL A 16 -12.47 11.14 6.67
C VAL A 16 -12.29 12.55 6.15
N THR A 17 -11.45 12.68 5.12
CA THR A 17 -11.03 13.98 4.62
C THR A 17 -11.02 13.91 3.09
N ALA A 18 -11.64 14.92 2.47
CA ALA A 18 -11.67 14.98 1.00
C ALA A 18 -10.97 16.22 0.44
N PHE A 19 -10.31 15.99 -0.70
CA PHE A 19 -9.63 17.04 -1.43
C PHE A 19 -10.19 17.11 -2.86
N ALA A 20 -10.18 18.30 -3.46
CA ALA A 20 -10.68 18.42 -4.83
C ALA A 20 -9.57 18.89 -5.79
N ASN A 21 -9.60 18.35 -7.01
CA ASN A 21 -8.64 18.68 -8.07
C ASN A 21 -9.37 18.53 -9.41
N SER A 22 -10.31 19.42 -9.67
CA SER A 22 -11.18 19.37 -10.84
C SER A 22 -11.87 20.71 -11.06
N SER A 23 -12.20 21.03 -12.32
CA SER A 23 -12.95 22.23 -12.64
C SER A 23 -14.42 22.09 -12.24
N GLY A 24 -14.85 20.85 -11.99
CA GLY A 24 -16.24 20.59 -11.60
C GLY A 24 -16.38 20.47 -10.08
N THR A 25 -17.51 20.98 -9.54
CA THR A 25 -17.82 20.75 -8.12
C THR A 25 -17.94 19.25 -7.84
N GLN A 26 -17.21 18.78 -6.80
CA GLN A 26 -17.25 17.39 -6.38
C GLN A 26 -18.26 17.21 -5.26
N THR A 27 -19.04 16.13 -5.31
CA THR A 27 -19.98 15.77 -4.23
C THR A 27 -19.53 14.43 -3.64
N VAL A 28 -19.03 14.39 -2.40
CA VAL A 28 -18.53 13.17 -1.79
C VAL A 28 -19.49 12.76 -0.69
N ASN A 29 -19.97 11.53 -0.79
N ASN A 29 -19.98 11.53 -0.80
CA ASN A 29 -20.83 10.92 0.21
CA ASN A 29 -20.84 10.92 0.20
C ASN A 29 -20.04 9.83 0.91
C ASN A 29 -20.04 9.83 0.91
N VAL A 30 -20.14 9.85 2.23
CA VAL A 30 -19.56 8.79 3.05
C VAL A 30 -20.74 8.04 3.69
N LEU A 31 -20.85 6.77 3.35
CA LEU A 31 -21.91 5.92 3.90
C LEU A 31 -21.32 5.07 5.02
N VAL A 32 -22.10 4.89 6.06
CA VAL A 32 -21.80 3.94 7.12
C VAL A 32 -23.03 3.06 7.25
N ASN A 33 -22.85 1.73 7.10
CA ASN A 33 -23.97 0.80 7.14
C ASN A 33 -24.98 1.17 6.06
N ASN A 34 -24.47 1.54 4.89
CA ASN A 34 -25.30 1.84 3.73
C ASN A 34 -26.17 3.10 3.89
N GLU A 35 -25.82 3.96 4.84
CA GLU A 35 -26.57 5.19 5.07
C GLU A 35 -25.64 6.39 5.10
N THR A 36 -26.07 7.56 4.60
CA THR A 36 -25.20 8.73 4.57
C THR A 36 -24.78 9.12 5.99
N ALA A 37 -23.49 9.27 6.22
CA ALA A 37 -22.99 9.71 7.50
C ALA A 37 -22.29 11.07 7.38
N ALA A 38 -21.75 11.37 6.19
CA ALA A 38 -21.22 12.70 5.93
C ALA A 38 -21.33 13.00 4.43
N THR A 39 -21.41 14.30 4.12
CA THR A 39 -21.41 14.77 2.75
C THR A 39 -20.53 15.99 2.65
N PHE A 40 -19.64 16.00 1.65
CA PHE A 40 -18.81 17.14 1.37
C PHE A 40 -19.05 17.59 -0.08
N SER A 41 -19.04 18.91 -0.31
CA SER A 41 -19.13 19.46 -1.63
C SER A 41 -18.19 20.65 -1.72
N GLY A 42 -17.49 20.74 -2.84
CA GLY A 42 -16.61 21.89 -3.03
C GLY A 42 -15.96 21.79 -4.40
N GLN A 43 -15.17 22.81 -4.72
CA GLN A 43 -14.51 22.86 -6.01
C GLN A 43 -13.14 23.46 -5.85
N SER A 44 -12.13 22.77 -6.39
CA SER A 44 -10.80 23.28 -6.40
C SER A 44 -10.02 22.58 -7.50
N THR A 45 -9.01 23.28 -8.05
CA THR A 45 -8.02 22.67 -8.89
C THR A 45 -6.67 22.76 -8.18
N ASN A 46 -6.70 22.97 -6.87
CA ASN A 46 -5.43 23.10 -6.14
C ASN A 46 -5.52 22.37 -4.79
N ASN A 47 -6.20 21.22 -4.77
CA ASN A 47 -6.15 20.27 -3.68
C ASN A 47 -6.80 20.81 -2.39
N ALA A 48 -7.72 21.78 -2.49
CA ALA A 48 -8.37 22.25 -1.29
C ALA A 48 -9.08 21.12 -0.55
N VAL A 49 -8.96 21.17 0.78
CA VAL A 49 -9.76 20.28 1.61
C VAL A 49 -11.21 20.77 1.54
N ILE A 50 -12.09 19.98 0.93
CA ILE A 50 -13.48 20.35 0.82
C ILE A 50 -14.28 19.82 1.99
N GLY A 51 -13.66 18.96 2.80
CA GLY A 51 -14.33 18.58 4.03
C GLY A 51 -13.49 17.61 4.84
N THR A 52 -13.71 17.62 6.17
CA THR A 52 -13.06 16.63 7.02
C THR A 52 -14.06 16.42 8.17
N GLN A 53 -14.12 15.22 8.70
CA GLN A 53 -15.00 14.94 9.79
C GLN A 53 -14.56 13.68 10.52
N VAL A 54 -15.02 13.56 11.79
CA VAL A 54 -14.78 12.36 12.56
C VAL A 54 -16.12 11.59 12.59
N LEU A 55 -16.08 10.32 12.22
CA LEU A 55 -17.25 9.45 12.26
C LEU A 55 -16.98 8.22 13.09
N ASN A 56 -18.04 7.46 13.29
CA ASN A 56 -17.97 6.17 13.99
C ASN A 56 -18.37 5.06 13.05
N SER A 57 -17.57 3.97 12.98
CA SER A 57 -17.80 2.86 12.09
C SER A 57 -19.11 2.13 12.43
N GLY A 58 -19.55 2.28 13.67
CA GLY A 58 -20.80 1.72 14.16
C GLY A 58 -20.79 0.20 14.16
N SER A 59 -21.99 -0.39 14.28
CA SER A 59 -22.03 -1.84 14.47
C SER A 59 -21.63 -2.63 13.23
N SER A 60 -21.71 -2.03 12.01
CA SER A 60 -21.45 -2.82 10.81
C SER A 60 -19.97 -2.77 10.44
N GLY A 61 -19.29 -1.68 10.78
CA GLY A 61 -17.92 -1.55 10.29
C GLY A 61 -17.84 -1.20 8.81
N LYS A 62 -18.99 -1.09 8.13
CA LYS A 62 -19.00 -0.94 6.68
C LYS A 62 -18.98 0.53 6.29
N VAL A 63 -17.89 0.94 5.61
CA VAL A 63 -17.73 2.32 5.18
C VAL A 63 -17.58 2.36 3.65
N GLN A 64 -18.40 3.17 3.00
CA GLN A 64 -18.32 3.31 1.56
C GLN A 64 -18.22 4.76 1.17
N VAL A 65 -17.28 5.06 0.26
CA VAL A 65 -17.12 6.37 -0.32
C VAL A 65 -17.74 6.37 -1.70
N GLN A 66 -18.53 7.38 -2.01
CA GLN A 66 -19.05 7.60 -3.35
C GLN A 66 -18.75 9.02 -3.76
N VAL A 67 -18.35 9.23 -5.01
CA VAL A 67 -18.14 10.59 -5.50
C VAL A 67 -18.96 10.75 -6.77
N SER A 68 -19.66 11.87 -6.86
CA SER A 68 -20.45 12.18 -8.05
C SER A 68 -20.20 13.61 -8.43
N VAL A 69 -20.30 13.89 -9.72
CA VAL A 69 -20.09 15.24 -10.23
C VAL A 69 -21.29 15.54 -11.15
N ASN A 70 -22.05 16.59 -10.84
CA ASN A 70 -23.24 16.94 -11.58
C ASN A 70 -24.19 15.74 -11.70
N GLY A 71 -24.24 14.91 -10.64
CA GLY A 71 -25.11 13.77 -10.57
C GLY A 71 -24.57 12.48 -11.21
N ARG A 72 -23.39 12.52 -11.81
CA ARG A 72 -22.82 11.30 -12.42
C ARG A 72 -21.77 10.73 -11.45
N PRO A 73 -21.88 9.46 -11.08
CA PRO A 73 -20.85 8.77 -10.28
C PRO A 73 -19.52 8.82 -11.01
N SER A 74 -18.49 9.18 -10.28
CA SER A 74 -17.14 9.16 -10.79
C SER A 74 -16.64 7.71 -10.70
N ASP A 75 -15.64 7.38 -11.55
CA ASP A 75 -14.97 6.07 -11.44
C ASP A 75 -13.98 6.10 -10.28
N LEU A 76 -14.03 5.08 -9.40
CA LEU A 76 -13.22 5.07 -8.19
C LEU A 76 -12.04 4.09 -8.28
N VAL A 77 -11.00 4.41 -7.53
CA VAL A 77 -9.86 3.55 -7.29
C VAL A 77 -9.60 3.62 -5.79
N SER A 78 -9.21 2.49 -5.16
CA SER A 78 -9.04 2.48 -3.73
C SER A 78 -8.08 1.40 -3.28
N ALA A 79 -7.59 1.55 -2.05
CA ALA A 79 -6.89 0.48 -1.36
C ALA A 79 -6.78 0.85 0.11
N GLN A 80 -6.41 -0.15 0.91
CA GLN A 80 -6.07 0.05 2.31
C GLN A 80 -4.62 -0.36 2.56
N VAL A 81 -3.92 0.45 3.34
CA VAL A 81 -2.55 0.18 3.72
C VAL A 81 -2.47 0.26 5.24
N ILE A 82 -1.73 -0.66 5.83
CA ILE A 82 -1.52 -0.73 7.28
C ILE A 82 -0.02 -0.67 7.53
N LEU A 83 0.36 0.24 8.42
CA LEU A 83 1.74 0.45 8.80
C LEU A 83 1.94 -0.03 10.24
N THR A 84 3.10 -0.68 10.49
CA THR A 84 3.50 -1.23 11.79
C THR A 84 2.34 -1.99 12.43
N ASN A 85 1.55 -2.67 11.59
CA ASN A 85 0.48 -3.57 12.02
C ASN A 85 -0.57 -2.86 12.88
N GLU A 86 -0.74 -1.55 12.68
CA GLU A 86 -1.51 -0.74 13.63
C GLU A 86 -2.20 0.44 12.95
N LEU A 87 -1.46 1.14 12.09
CA LEU A 87 -1.96 2.41 11.57
C LEU A 87 -2.59 2.23 10.20
N ASN A 88 -3.86 2.61 10.06
CA ASN A 88 -4.67 2.24 8.90
C ASN A 88 -5.02 3.43 8.02
N PHE A 89 -4.84 3.27 6.71
CA PHE A 89 -5.25 4.29 5.75
C PHE A 89 -6.11 3.60 4.69
N ALA A 90 -7.30 4.14 4.48
CA ALA A 90 -8.16 3.72 3.39
C ALA A 90 -8.27 4.87 2.41
N LEU A 91 -7.75 4.62 1.18
CA LEU A 91 -7.48 5.65 0.22
C LEU A 91 -8.38 5.52 -1.01
N VAL A 92 -8.91 6.67 -1.49
CA VAL A 92 -9.82 6.71 -2.64
C VAL A 92 -9.37 7.79 -3.60
N GLY A 93 -9.33 7.45 -4.89
CA GLY A 93 -9.24 8.46 -5.93
C GLY A 93 -10.47 8.36 -6.81
N SER A 94 -10.75 9.42 -7.58
CA SER A 94 -11.95 9.46 -8.40
C SER A 94 -11.64 10.15 -9.73
N GLU A 95 -12.32 9.73 -10.81
CA GLU A 95 -12.14 10.33 -12.12
C GLU A 95 -13.51 10.81 -12.64
N ASP A 96 -13.59 12.08 -13.02
CA ASP A 96 -14.87 12.68 -13.46
C ASP A 96 -14.83 13.02 -14.95
N GLY A 97 -13.73 12.69 -15.62
CA GLY A 97 -13.51 13.15 -17.00
C GLY A 97 -12.74 12.14 -17.83
N THR A 98 -11.82 12.63 -18.67
CA THR A 98 -11.15 11.83 -19.66
C THR A 98 -9.63 11.73 -19.45
N ASP A 99 -9.05 12.49 -18.52
CA ASP A 99 -7.58 12.56 -18.41
C ASP A 99 -6.99 11.45 -17.55
N ASN A 100 -7.83 10.79 -16.74
CA ASN A 100 -7.39 9.66 -15.95
C ASN A 100 -6.30 10.03 -14.96
N ASP A 101 -6.45 11.20 -14.34
CA ASP A 101 -5.55 11.58 -13.26
C ASP A 101 -6.07 10.98 -11.95
N TYR A 102 -7.35 10.64 -11.90
CA TYR A 102 -7.96 10.01 -10.71
C TYR A 102 -7.75 10.82 -9.40
N ASN A 103 -7.67 12.15 -9.48
CA ASN A 103 -7.48 12.99 -8.32
C ASN A 103 -8.63 14.00 -8.17
N ASP A 104 -9.68 13.82 -8.96
CA ASP A 104 -10.75 14.81 -9.04
C ASP A 104 -11.37 15.07 -7.68
N ALA A 105 -11.69 13.98 -6.99
CA ALA A 105 -11.86 14.03 -5.54
C ALA A 105 -10.97 12.95 -4.96
N VAL A 106 -10.19 13.28 -3.95
CA VAL A 106 -9.32 12.35 -3.25
C VAL A 106 -9.81 12.26 -1.82
N VAL A 107 -10.00 11.03 -1.34
CA VAL A 107 -10.57 10.80 -0.04
C VAL A 107 -9.61 9.95 0.77
N VAL A 108 -9.31 10.44 2.00
CA VAL A 108 -8.44 9.67 2.91
C VAL A 108 -9.23 9.38 4.18
N ILE A 109 -9.30 8.10 4.55
CA ILE A 109 -9.86 7.60 5.78
C ILE A 109 -8.72 7.10 6.66
N ASN A 110 -8.69 7.55 7.92
CA ASN A 110 -7.63 7.14 8.80
C ASN A 110 -8.16 6.64 10.14
N TRP A 111 -7.52 5.56 10.63
CA TRP A 111 -7.81 5.13 12.01
C TRP A 111 -6.63 4.35 12.50
N PRO A 112 -6.44 4.13 13.84
CA PRO A 112 -7.23 4.74 14.89
C PRO A 112 -7.00 6.23 15.08
N LEU A 113 -7.95 6.84 15.77
CA LEU A 113 -7.81 8.20 16.24
C LEU A 113 -7.43 8.25 17.72
N GLY A 114 -7.19 9.45 18.24
CA GLY A 114 -7.03 9.61 19.69
C GLY A 114 -5.64 9.43 20.23
N ALA B 1 15.32 1.22 9.25
CA ALA B 1 15.32 1.85 7.93
C ALA B 1 14.85 3.29 8.08
N THR B 2 15.36 4.14 7.21
CA THR B 2 14.88 5.50 7.10
C THR B 2 13.38 5.48 6.74
N GLN B 3 12.63 6.38 7.37
CA GLN B 3 11.22 6.55 7.13
C GLN B 3 10.94 8.06 6.94
N GLY B 4 9.85 8.39 6.25
CA GLY B 4 9.42 9.73 6.10
C GLY B 4 10.16 10.53 5.00
N VAL B 5 10.91 9.79 4.15
CA VAL B 5 11.64 10.37 3.03
C VAL B 5 11.06 9.79 1.74
N PHE B 6 10.73 10.68 0.81
CA PHE B 6 10.10 10.25 -0.42
C PHE B 6 10.74 10.94 -1.61
N THR B 7 10.93 10.20 -2.71
CA THR B 7 11.41 10.80 -3.95
C THR B 7 10.18 10.98 -4.83
N LEU B 8 9.83 12.24 -5.10
CA LEU B 8 8.79 12.57 -6.05
C LEU B 8 9.42 12.81 -7.41
N PRO B 9 8.63 12.73 -8.50
CA PRO B 9 9.12 13.28 -9.77
C PRO B 9 9.50 14.73 -9.58
N ALA B 10 10.51 15.21 -10.32
CA ALA B 10 10.92 16.58 -10.19
C ALA B 10 9.81 17.51 -10.69
N ASN B 11 9.76 18.69 -10.11
CA ASN B 11 8.90 19.77 -10.57
C ASN B 11 7.44 19.34 -10.55
N THR B 12 7.01 18.66 -9.48
CA THR B 12 5.66 18.16 -9.37
C THR B 12 4.99 18.81 -8.16
N ARG B 13 3.76 19.30 -8.40
CA ARG B 13 2.92 19.85 -7.36
C ARG B 13 2.39 18.71 -6.48
N PHE B 14 2.38 18.92 -5.18
CA PHE B 14 1.87 17.92 -4.28
C PHE B 14 1.19 18.57 -3.09
N GLY B 15 0.21 17.86 -2.53
CA GLY B 15 -0.37 18.26 -1.26
C GLY B 15 0.25 17.57 -0.08
N VAL B 16 0.27 18.29 1.06
CA VAL B 16 0.70 17.69 2.33
C VAL B 16 -0.26 18.10 3.40
N THR B 17 -0.74 17.13 4.17
CA THR B 17 -1.79 17.33 5.15
C THR B 17 -1.40 16.57 6.43
N ALA B 18 -1.52 17.25 7.58
CA ALA B 18 -1.23 16.62 8.87
C ALA B 18 -2.45 16.57 9.76
N PHE B 19 -2.53 15.48 10.51
CA PHE B 19 -3.57 15.25 11.48
C PHE B 19 -2.93 14.99 12.86
N ALA B 20 -3.63 15.41 13.94
CA ALA B 20 -3.10 15.17 15.29
C ALA B 20 -4.01 14.29 16.13
N ASN B 21 -3.39 13.38 16.90
CA ASN B 21 -4.12 12.43 17.74
C ASN B 21 -3.30 12.12 18.99
N SER B 22 -3.10 13.12 19.84
CA SER B 22 -2.24 12.94 21.02
C SER B 22 -2.49 14.04 22.05
N SER B 23 -2.09 13.79 23.32
CA SER B 23 -2.09 14.86 24.31
C SER B 23 -0.92 15.81 24.06
N GLY B 24 0.10 15.34 23.34
CA GLY B 24 1.25 16.17 23.00
C GLY B 24 1.05 17.08 21.77
N THR B 25 1.58 18.30 21.84
CA THR B 25 1.59 19.22 20.70
C THR B 25 2.51 18.68 19.62
N GLN B 26 1.95 18.45 18.43
CA GLN B 26 2.78 17.98 17.31
C GLN B 26 3.40 19.11 16.54
N THR B 27 4.67 18.98 16.18
CA THR B 27 5.33 19.89 15.25
C THR B 27 5.64 19.08 13.99
N VAL B 28 5.06 19.46 12.86
CA VAL B 28 5.30 18.78 11.59
C VAL B 28 6.04 19.72 10.65
N ASN B 29 7.25 19.31 10.26
CA ASN B 29 8.02 20.09 9.30
C ASN B 29 8.13 19.28 7.99
N VAL B 30 7.89 19.95 6.87
CA VAL B 30 7.95 19.31 5.56
C VAL B 30 9.08 19.95 4.79
N LEU B 31 10.09 19.15 4.47
CA LEU B 31 11.28 19.66 3.81
C LEU B 31 11.21 19.31 2.32
N VAL B 32 11.71 20.23 1.51
CA VAL B 32 11.86 19.98 0.09
C VAL B 32 13.30 20.38 -0.24
N ASN B 33 14.07 19.45 -0.79
CA ASN B 33 15.48 19.69 -1.07
C ASN B 33 16.21 20.11 0.22
N ASN B 34 15.88 19.48 1.33
CA ASN B 34 16.54 19.69 2.62
C ASN B 34 16.26 21.07 3.20
N GLU B 35 15.22 21.72 2.74
CA GLU B 35 14.84 23.06 3.23
C GLU B 35 13.38 23.00 3.66
N THR B 36 13.08 23.59 4.84
CA THR B 36 11.71 23.57 5.33
C THR B 36 10.83 24.36 4.38
N ALA B 37 9.72 23.77 3.97
CA ALA B 37 8.82 24.40 3.02
C ALA B 37 7.42 24.53 3.60
N ALA B 38 7.09 23.78 4.66
CA ALA B 38 5.83 23.95 5.33
C ALA B 38 6.00 23.51 6.78
N THR B 39 5.29 24.16 7.68
CA THR B 39 5.35 23.84 9.10
C THR B 39 3.94 23.95 9.67
N PHE B 40 3.54 22.93 10.42
CA PHE B 40 2.26 22.86 11.06
C PHE B 40 2.48 22.50 12.56
N SER B 41 1.64 23.06 13.45
CA SER B 41 1.67 22.69 14.87
C SER B 41 0.26 22.61 15.43
N GLY B 42 0.05 21.73 16.40
CA GLY B 42 -1.22 21.75 17.08
C GLY B 42 -1.38 20.55 17.98
N GLN B 43 -2.40 20.61 18.83
CA GLN B 43 -2.70 19.52 19.73
C GLN B 43 -4.18 19.14 19.54
N SER B 44 -4.42 17.85 19.34
CA SER B 44 -5.77 17.33 19.19
C SER B 44 -5.74 15.85 19.55
N THR B 45 -6.82 15.37 20.15
CA THR B 45 -7.06 13.94 20.28
C THR B 45 -8.28 13.57 19.45
N ASN B 46 -8.64 14.44 18.49
CA ASN B 46 -9.80 14.23 17.66
C ASN B 46 -9.48 14.42 16.17
N ASN B 47 -8.24 14.14 15.77
CA ASN B 47 -7.87 14.07 14.36
C ASN B 47 -7.97 15.43 13.66
N ALA B 48 -7.76 16.54 14.41
CA ALA B 48 -7.74 17.83 13.76
C ALA B 48 -6.75 17.84 12.60
N VAL B 49 -7.12 18.51 11.53
CA VAL B 49 -6.20 18.83 10.46
C VAL B 49 -5.37 20.04 10.86
N ILE B 50 -4.20 19.81 11.46
CA ILE B 50 -3.39 20.88 12.01
C ILE B 50 -2.73 21.68 10.90
N GLY B 51 -2.67 21.10 9.69
CA GLY B 51 -2.28 21.89 8.54
C GLY B 51 -2.44 21.15 7.22
N THR B 52 -2.60 21.94 6.13
CA THR B 52 -2.57 21.38 4.79
C THR B 52 -1.90 22.46 3.94
N GLN B 53 -1.15 22.07 2.95
CA GLN B 53 -0.44 22.98 2.08
C GLN B 53 -0.20 22.34 0.73
N VAL B 54 0.11 23.17 -0.26
CA VAL B 54 0.50 22.67 -1.58
C VAL B 54 1.89 23.21 -1.84
N LEU B 55 2.78 22.33 -2.26
CA LEU B 55 4.18 22.57 -2.51
C LEU B 55 4.52 22.04 -3.88
N ASN B 56 5.75 22.31 -4.32
CA ASN B 56 6.33 21.77 -5.56
C ASN B 56 7.64 21.04 -5.18
N SER B 57 7.84 19.83 -5.73
CA SER B 57 8.96 18.97 -5.42
C SER B 57 10.27 19.59 -5.93
N GLY B 58 10.21 20.52 -6.86
CA GLY B 58 11.37 21.24 -7.36
C GLY B 58 12.33 20.33 -8.12
N SER B 59 13.57 20.79 -8.30
CA SER B 59 14.48 20.06 -9.15
C SER B 59 14.97 18.75 -8.51
N SER B 60 14.95 18.62 -7.17
CA SER B 60 15.51 17.43 -6.53
C SER B 60 14.49 16.32 -6.41
N GLY B 61 13.23 16.72 -6.27
CA GLY B 61 12.20 15.76 -5.99
C GLY B 61 12.26 15.16 -4.57
N LYS B 62 13.12 15.72 -3.72
CA LYS B 62 13.28 15.12 -2.40
C LYS B 62 12.34 15.75 -1.40
N VAL B 63 11.47 14.94 -0.79
CA VAL B 63 10.51 15.41 0.20
C VAL B 63 10.71 14.62 1.49
N GLN B 64 10.84 15.35 2.60
CA GLN B 64 11.02 14.71 3.90
C GLN B 64 10.03 15.24 4.90
N VAL B 65 9.40 14.35 5.67
CA VAL B 65 8.56 14.73 6.77
C VAL B 65 9.26 14.45 8.12
N GLN B 66 9.27 15.47 8.98
CA GLN B 66 9.80 15.30 10.33
C GLN B 66 8.69 15.63 11.33
N VAL B 67 8.61 14.85 12.39
CA VAL B 67 7.61 15.07 13.44
C VAL B 67 8.32 15.07 14.77
N SER B 68 8.10 16.11 15.54
CA SER B 68 8.67 16.23 16.90
C SER B 68 7.61 16.71 17.86
N VAL B 69 7.76 16.38 19.14
CA VAL B 69 6.89 16.89 20.18
C VAL B 69 7.78 17.59 21.21
N ASN B 70 7.62 18.92 21.38
CA ASN B 70 8.40 19.65 22.39
C ASN B 70 9.89 19.38 22.18
N GLY B 71 10.32 19.41 20.92
CA GLY B 71 11.70 19.23 20.52
C GLY B 71 12.16 17.76 20.42
N ARG B 72 11.33 16.80 20.84
CA ARG B 72 11.72 15.38 20.76
C ARG B 72 11.16 14.73 19.46
N PRO B 73 12.02 14.27 18.54
CA PRO B 73 11.61 13.58 17.32
C PRO B 73 10.81 12.35 17.68
N SER B 74 9.68 12.21 17.00
CA SER B 74 8.82 11.06 17.18
C SER B 74 9.36 9.92 16.30
N ASP B 75 9.01 8.69 16.64
CA ASP B 75 9.36 7.53 15.78
C ASP B 75 8.43 7.49 14.58
N LEU B 76 9.03 7.40 13.37
CA LEU B 76 8.23 7.44 12.13
C LEU B 76 8.02 6.07 11.50
N VAL B 77 6.86 5.93 10.85
CA VAL B 77 6.55 4.79 9.98
C VAL B 77 6.02 5.40 8.68
N SER B 78 6.39 4.84 7.52
CA SER B 78 6.00 5.41 6.24
C SER B 78 5.85 4.34 5.16
N ALA B 79 5.16 4.70 4.09
CA ALA B 79 5.18 3.96 2.83
C ALA B 79 4.53 4.82 1.76
N GLN B 80 4.73 4.43 0.51
CA GLN B 80 4.14 5.08 -0.65
C GLN B 80 3.30 4.06 -1.37
N VAL B 81 2.11 4.47 -1.80
CA VAL B 81 1.23 3.58 -2.54
C VAL B 81 0.74 4.32 -3.78
N ILE B 82 0.59 3.59 -4.87
CA ILE B 82 0.19 4.13 -6.17
C ILE B 82 -0.97 3.32 -6.68
N LEU B 83 -2.06 4.03 -7.03
CA LEU B 83 -3.28 3.41 -7.52
C LEU B 83 -3.41 3.75 -9.00
N THR B 84 -3.88 2.75 -9.79
CA THR B 84 -4.05 2.85 -11.26
C THR B 84 -2.83 3.49 -11.90
N ASN B 85 -1.64 3.18 -11.34
CA ASN B 85 -0.36 3.61 -11.92
C ASN B 85 -0.28 5.12 -12.13
N GLU B 86 -1.02 5.88 -11.30
CA GLU B 86 -1.13 7.30 -11.52
C GLU B 86 -1.22 8.08 -10.21
N LEU B 87 -2.10 7.62 -9.33
CA LEU B 87 -2.46 8.38 -8.14
C LEU B 87 -1.57 7.97 -6.96
N ASN B 88 -0.82 8.93 -6.41
CA ASN B 88 0.23 8.64 -5.46
C ASN B 88 -0.12 9.15 -4.06
N PHE B 89 0.13 8.28 -3.07
CA PHE B 89 0.05 8.71 -1.66
C PHE B 89 1.32 8.33 -0.95
N ALA B 90 1.91 9.30 -0.26
CA ALA B 90 3.04 9.04 0.62
C ALA B 90 2.53 9.26 2.03
N LEU B 91 2.65 8.20 2.87
CA LEU B 91 1.99 8.16 4.15
C LEU B 91 3.00 8.11 5.28
N VAL B 92 2.72 8.86 6.35
CA VAL B 92 3.59 8.89 7.52
C VAL B 92 2.70 8.72 8.74
N GLY B 93 3.15 7.84 9.64
CA GLY B 93 2.62 7.79 11.00
C GLY B 93 3.75 8.11 11.97
N SER B 94 3.41 8.41 13.23
CA SER B 94 4.42 8.86 14.20
C SER B 94 3.97 8.48 15.60
N GLU B 95 4.93 8.13 16.49
CA GLU B 95 4.63 7.76 17.86
C GLU B 95 5.46 8.65 18.80
N ASP B 96 4.80 9.33 19.74
CA ASP B 96 5.46 10.25 20.64
C ASP B 96 5.51 9.70 22.08
N GLY B 97 5.03 8.49 22.26
CA GLY B 97 4.76 7.94 23.61
C GLY B 97 5.05 6.43 23.68
N THR B 98 4.25 5.73 24.47
CA THR B 98 4.49 4.34 24.78
C THR B 98 3.41 3.41 24.26
N ASP B 99 2.28 3.94 23.76
CA ASP B 99 1.14 3.08 23.41
C ASP B 99 1.25 2.45 22.02
N ASN B 100 2.11 3.00 21.16
CA ASN B 100 2.37 2.47 19.84
C ASN B 100 1.12 2.48 18.97
N ASP B 101 0.34 3.57 19.05
CA ASP B 101 -0.77 3.72 18.10
C ASP B 101 -0.24 4.36 16.78
N TYR B 102 0.90 5.01 16.83
CA TYR B 102 1.52 5.61 15.65
C TYR B 102 0.62 6.58 14.88
N ASN B 103 -0.33 7.21 15.60
CA ASN B 103 -1.26 8.16 14.99
C ASN B 103 -1.06 9.56 15.56
N ASP B 104 0.01 9.75 16.38
CA ASP B 104 0.10 10.98 17.16
C ASP B 104 0.16 12.19 16.21
N ALA B 105 0.99 12.07 15.17
CA ALA B 105 0.84 12.95 14.00
C ALA B 105 0.79 11.99 12.80
N VAL B 106 -0.17 12.23 11.91
CA VAL B 106 -0.33 11.44 10.70
C VAL B 106 -0.21 12.44 9.56
N VAL B 107 0.67 12.13 8.61
CA VAL B 107 0.91 13.02 7.49
C VAL B 107 0.65 12.29 6.18
N VAL B 108 -0.15 12.90 5.29
CA VAL B 108 -0.47 12.34 4.00
C VAL B 108 -0.05 13.31 2.92
N ILE B 109 0.78 12.83 2.02
CA ILE B 109 1.21 13.54 0.82
C ILE B 109 0.51 12.95 -0.39
N ASN B 110 -0.08 13.81 -1.22
CA ASN B 110 -0.78 13.33 -2.39
C ASN B 110 -0.29 14.05 -3.64
N TRP B 111 -0.23 13.28 -4.74
CA TRP B 111 -0.06 13.90 -6.05
C TRP B 111 -0.58 12.90 -7.10
N PRO B 112 -0.89 13.31 -8.34
CA PRO B 112 -0.80 14.69 -8.80
C PRO B 112 -1.91 15.59 -8.31
N LEU B 113 -1.72 16.89 -8.51
CA LEU B 113 -2.77 17.86 -8.24
C LEU B 113 -3.34 18.37 -9.57
N GLY B 114 -4.40 19.16 -9.46
CA GLY B 114 -4.93 19.86 -10.62
C GLY B 114 -6.04 19.12 -11.35
N ALA C 1 -11.28 1.73 -13.57
CA ALA C 1 -9.90 2.17 -13.88
C ALA C 1 -9.06 1.01 -14.38
N THR C 2 -8.09 1.31 -15.25
CA THR C 2 -7.11 0.33 -15.69
C THR C 2 -6.43 -0.29 -14.47
N GLN C 3 -6.26 -1.61 -14.50
CA GLN C 3 -5.53 -2.31 -13.47
C GLN C 3 -4.50 -3.23 -14.13
N GLY C 4 -3.44 -3.58 -13.41
CA GLY C 4 -2.47 -4.54 -13.88
C GLY C 4 -1.38 -3.89 -14.75
N VAL C 5 -1.37 -2.56 -14.84
CA VAL C 5 -0.35 -1.82 -15.59
C VAL C 5 0.51 -1.00 -14.63
N PHE C 6 1.84 -1.11 -14.82
CA PHE C 6 2.78 -0.47 -13.93
C PHE C 6 3.90 0.16 -14.74
N THR C 7 4.34 1.35 -14.35
CA THR C 7 5.51 1.96 -14.99
C THR C 7 6.68 1.73 -14.05
N LEU C 8 7.60 0.88 -14.49
CA LEU C 8 8.84 0.65 -13.77
C LEU C 8 9.88 1.60 -14.26
N PRO C 9 10.98 1.79 -13.49
CA PRO C 9 12.14 2.50 -14.06
C PRO C 9 12.59 1.76 -15.31
N ALA C 10 13.08 2.53 -16.29
CA ALA C 10 13.47 1.96 -17.57
C ALA C 10 14.70 1.10 -17.39
N ASN C 11 14.76 0.05 -18.24
CA ASN C 11 15.96 -0.78 -18.38
C ASN C 11 16.41 -1.36 -17.04
N THR C 12 15.47 -1.86 -16.24
CA THR C 12 15.77 -2.34 -14.89
C THR C 12 15.24 -3.76 -14.77
N ARG C 13 16.03 -4.63 -14.17
CA ARG C 13 15.58 -6.00 -13.90
C ARG C 13 14.51 -6.00 -12.82
N PHE C 14 13.52 -6.88 -12.99
CA PHE C 14 12.46 -7.09 -12.00
C PHE C 14 12.10 -8.54 -11.97
N GLY C 15 11.51 -8.97 -10.81
CA GLY C 15 11.00 -10.31 -10.68
C GLY C 15 9.47 -10.28 -10.91
N VAL C 16 8.94 -11.35 -11.50
CA VAL C 16 7.49 -11.53 -11.64
C VAL C 16 7.17 -12.95 -11.28
N THR C 17 6.16 -13.11 -10.39
CA THR C 17 5.87 -14.39 -9.78
C THR C 17 4.35 -14.51 -9.68
N ALA C 18 3.79 -15.66 -10.08
CA ALA C 18 2.35 -15.88 -10.01
C ALA C 18 1.98 -17.06 -9.13
N PHE C 19 0.85 -16.89 -8.42
CA PHE C 19 0.31 -17.87 -7.52
C PHE C 19 -1.14 -18.20 -7.93
N ALA C 20 -1.55 -19.47 -7.76
CA ALA C 20 -2.88 -19.91 -8.16
C ALA C 20 -3.69 -20.34 -6.94
N ASN C 21 -4.97 -19.95 -6.94
CA ASN C 21 -5.93 -20.29 -5.88
C ASN C 21 -7.31 -20.42 -6.52
N SER C 22 -7.51 -21.46 -7.34
CA SER C 22 -8.76 -21.63 -8.06
C SER C 22 -8.86 -23.06 -8.60
N SER C 23 -10.10 -23.52 -8.84
CA SER C 23 -10.31 -24.77 -9.58
C SER C 23 -10.09 -24.52 -11.08
N GLY C 24 -10.13 -23.27 -11.48
CA GLY C 24 -9.85 -22.87 -12.86
C GLY C 24 -8.35 -22.82 -13.16
N THR C 25 -7.98 -23.28 -14.35
CA THR C 25 -6.58 -23.22 -14.79
C THR C 25 -6.26 -21.79 -15.16
N GLN C 26 -5.24 -21.20 -14.49
CA GLN C 26 -4.89 -19.81 -14.71
C GLN C 26 -3.86 -19.70 -15.82
N THR C 27 -3.98 -18.65 -16.65
CA THR C 27 -2.97 -18.28 -17.60
C THR C 27 -2.58 -16.83 -17.33
N VAL C 28 -1.33 -16.55 -17.05
CA VAL C 28 -0.89 -15.19 -16.72
C VAL C 28 0.11 -14.75 -17.79
N ASN C 29 -0.21 -13.67 -18.50
CA ASN C 29 0.68 -13.05 -19.43
C ASN C 29 1.27 -11.74 -18.91
N VAL C 30 2.56 -11.60 -19.09
CA VAL C 30 3.33 -10.44 -18.67
C VAL C 30 3.89 -9.77 -19.92
N LEU C 31 3.41 -8.56 -20.19
CA LEU C 31 3.84 -7.78 -21.35
C LEU C 31 4.88 -6.75 -20.91
N VAL C 32 5.89 -6.58 -21.73
CA VAL C 32 6.88 -5.55 -21.55
C VAL C 32 6.91 -4.80 -22.88
N ASN C 33 6.64 -3.49 -22.83
CA ASN C 33 6.63 -2.67 -24.02
C ASN C 33 5.59 -3.23 -25.02
N ASN C 34 4.45 -3.63 -24.47
CA ASN C 34 3.30 -4.10 -25.23
C ASN C 34 3.58 -5.39 -25.98
N GLU C 35 4.62 -6.15 -25.60
CA GLU C 35 4.85 -7.46 -26.18
C GLU C 35 4.95 -8.51 -25.08
N THR C 36 4.41 -9.72 -25.32
CA THR C 36 4.48 -10.79 -24.33
C THR C 36 5.93 -11.14 -24.02
N ALA C 37 6.30 -11.13 -22.73
CA ALA C 37 7.65 -11.40 -22.28
C ALA C 37 7.71 -12.66 -21.42
N ALA C 38 6.59 -13.01 -20.81
CA ALA C 38 6.49 -14.20 -19.99
C ALA C 38 5.04 -14.68 -19.95
N THR C 39 4.89 -16.01 -19.87
CA THR C 39 3.58 -16.61 -19.78
C THR C 39 3.68 -17.72 -18.76
N PHE C 40 2.78 -17.71 -17.79
CA PHE C 40 2.75 -18.70 -16.74
C PHE C 40 1.37 -19.36 -16.72
N SER C 41 1.34 -20.64 -16.40
CA SER C 41 0.08 -21.36 -16.27
C SER C 41 0.13 -22.42 -15.20
N GLY C 42 -1.05 -22.73 -14.62
CA GLY C 42 -1.12 -23.79 -13.65
C GLY C 42 -2.48 -23.80 -13.02
N GLN C 43 -2.68 -24.76 -12.10
CA GLN C 43 -3.92 -24.87 -11.39
C GLN C 43 -3.57 -25.33 -9.97
N SER C 44 -4.11 -24.61 -8.97
CA SER C 44 -4.01 -25.00 -7.58
C SER C 44 -5.05 -24.27 -6.80
N THR C 45 -5.52 -24.89 -5.69
CA THR C 45 -6.30 -24.20 -4.67
C THR C 45 -5.45 -24.00 -3.40
N ASN C 46 -4.11 -24.14 -3.52
CA ASN C 46 -3.22 -24.06 -2.36
C ASN C 46 -1.97 -23.21 -2.68
N ASN C 47 -2.14 -22.19 -3.54
CA ASN C 47 -1.17 -21.12 -3.71
C ASN C 47 0.10 -21.56 -4.40
N ALA C 48 0.01 -22.51 -5.35
CA ALA C 48 1.16 -22.91 -6.15
C ALA C 48 1.79 -21.73 -6.83
N VAL C 49 3.11 -21.76 -6.88
CA VAL C 49 3.88 -20.77 -7.63
C VAL C 49 4.05 -21.26 -9.06
N ILE C 50 3.10 -20.87 -9.89
CA ILE C 50 2.95 -21.45 -11.22
C ILE C 50 4.01 -20.91 -12.17
N GLY C 51 4.64 -19.80 -11.76
CA GLY C 51 5.75 -19.28 -12.53
C GLY C 51 6.47 -18.16 -11.78
N THR C 52 7.76 -18.00 -12.11
CA THR C 52 8.55 -16.91 -11.58
C THR C 52 9.65 -16.71 -12.62
N GLN C 53 9.99 -15.45 -12.87
CA GLN C 53 10.92 -15.14 -13.92
C GLN C 53 11.55 -13.77 -13.66
N VAL C 54 12.79 -13.58 -14.14
CA VAL C 54 13.43 -12.28 -14.09
C VAL C 54 13.37 -11.69 -15.50
N LEU C 55 12.86 -10.46 -15.58
CA LEU C 55 12.73 -9.76 -16.85
C LEU C 55 13.43 -8.41 -16.74
N ASN C 56 13.56 -7.73 -17.87
CA ASN C 56 14.04 -6.35 -17.94
C ASN C 56 12.90 -5.45 -18.39
N SER C 57 12.76 -4.28 -17.74
CA SER C 57 11.61 -3.42 -18.02
C SER C 57 11.73 -2.75 -19.40
N GLY C 58 12.94 -2.72 -19.94
CA GLY C 58 13.16 -2.15 -21.27
C GLY C 58 12.96 -0.63 -21.32
N SER C 59 12.85 -0.09 -22.53
CA SER C 59 13.05 1.35 -22.69
C SER C 59 11.86 2.15 -22.14
N SER C 60 10.64 1.59 -22.11
CA SER C 60 9.45 2.34 -21.69
C SER C 60 9.20 2.15 -20.20
N GLY C 61 9.63 1.02 -19.70
CA GLY C 61 9.35 0.64 -18.32
C GLY C 61 7.96 0.12 -18.15
N LYS C 62 7.16 0.06 -19.20
CA LYS C 62 5.76 -0.35 -19.13
C LYS C 62 5.64 -1.87 -19.00
N VAL C 63 5.01 -2.30 -17.85
CA VAL C 63 4.79 -3.71 -17.58
C VAL C 63 3.29 -3.89 -17.40
N GLN C 64 2.73 -4.86 -18.09
CA GLN C 64 1.30 -5.14 -17.96
C GLN C 64 1.06 -6.61 -17.69
N VAL C 65 0.19 -6.88 -16.72
CA VAL C 65 -0.23 -8.22 -16.39
C VAL C 65 -1.66 -8.44 -16.87
N GLN C 66 -1.88 -9.56 -17.53
CA GLN C 66 -3.22 -10.00 -17.93
C GLN C 66 -3.43 -11.44 -17.44
N VAL C 67 -4.64 -11.76 -16.99
CA VAL C 67 -4.94 -13.08 -16.48
C VAL C 67 -6.16 -13.57 -17.23
N SER C 68 -6.13 -14.84 -17.68
CA SER C 68 -7.33 -15.46 -18.26
C SER C 68 -7.48 -16.90 -17.79
N VAL C 69 -8.71 -17.42 -17.84
CA VAL C 69 -9.02 -18.80 -17.50
C VAL C 69 -9.82 -19.38 -18.67
N ASN C 70 -9.25 -20.38 -19.36
CA ASN C 70 -9.91 -20.98 -20.52
C ASN C 70 -10.29 -19.92 -21.55
N GLY C 71 -9.43 -18.93 -21.73
CA GLY C 71 -9.63 -17.85 -22.69
C GLY C 71 -10.47 -16.68 -22.18
N ARG C 72 -11.09 -16.81 -21.02
CA ARG C 72 -11.93 -15.72 -20.46
C ARG C 72 -11.07 -14.80 -19.57
N PRO C 73 -11.02 -13.50 -19.90
CA PRO C 73 -10.28 -12.53 -19.09
C PRO C 73 -10.83 -12.50 -17.68
N SER C 74 -9.93 -12.58 -16.71
CA SER C 74 -10.31 -12.42 -15.33
C SER C 74 -10.39 -10.91 -15.01
N ASP C 75 -11.20 -10.53 -14.06
CA ASP C 75 -11.24 -9.14 -13.56
C ASP C 75 -10.06 -8.89 -12.63
N LEU C 76 -9.33 -7.79 -12.86
CA LEU C 76 -8.10 -7.52 -12.12
C LEU C 76 -8.23 -6.42 -11.08
N VAL C 77 -7.44 -6.51 -10.01
N VAL C 77 -7.45 -6.51 -10.00
CA VAL C 77 -7.23 -5.43 -9.05
CA VAL C 77 -7.25 -5.41 -9.06
C VAL C 77 -5.72 -5.29 -8.88
C VAL C 77 -5.73 -5.29 -8.88
N SER C 78 -5.23 -4.07 -8.67
CA SER C 78 -3.78 -3.86 -8.56
C SER C 78 -3.42 -2.62 -7.74
N ALA C 79 -2.17 -2.59 -7.27
CA ALA C 79 -1.60 -1.38 -6.67
C ALA C 79 -0.07 -1.57 -6.63
N GLN C 80 0.65 -0.46 -6.46
CA GLN C 80 2.09 -0.50 -6.18
C GLN C 80 2.37 0.09 -4.81
N VAL C 81 3.25 -0.56 -4.06
N VAL C 81 3.25 -0.57 -4.06
CA VAL C 81 3.67 -0.04 -2.76
CA VAL C 81 3.67 -0.10 -2.75
C VAL C 81 5.19 0.01 -2.75
C VAL C 81 5.19 0.01 -2.75
N ILE C 82 5.71 1.07 -2.13
CA ILE C 82 7.16 1.30 -2.01
C ILE C 82 7.50 1.45 -0.52
N LEU C 83 8.47 0.65 -0.08
CA LEU C 83 8.93 0.66 1.29
C LEU C 83 10.32 1.29 1.38
N THR C 84 10.52 2.14 2.43
CA THR C 84 11.76 2.89 2.72
C THR C 84 12.27 3.55 1.44
N ASN C 85 11.30 4.02 0.60
CA ASN C 85 11.65 4.82 -0.58
C ASN C 85 12.56 4.09 -1.55
N GLU C 86 12.53 2.74 -1.56
CA GLU C 86 13.55 2.00 -2.30
C GLU C 86 12.99 0.66 -2.82
N LEU C 87 12.17 -0.02 -1.99
CA LEU C 87 11.81 -1.40 -2.27
C LEU C 87 10.39 -1.45 -2.84
N ASN C 88 10.24 -1.90 -4.09
CA ASN C 88 9.00 -1.77 -4.83
C ASN C 88 8.26 -3.09 -5.02
N PHE C 89 6.94 -3.08 -4.80
CA PHE C 89 6.10 -4.21 -5.09
C PHE C 89 4.90 -3.74 -5.94
N ALA C 90 4.70 -4.41 -7.07
CA ALA C 90 3.51 -4.21 -7.90
C ALA C 90 2.67 -5.46 -7.82
N LEU C 91 1.44 -5.27 -7.34
CA LEU C 91 0.59 -6.36 -6.91
C LEU C 91 -0.67 -6.46 -7.75
N VAL C 92 -1.04 -7.70 -8.10
CA VAL C 92 -2.23 -7.96 -8.92
C VAL C 92 -3.01 -9.07 -8.24
N GLY C 93 -4.32 -8.90 -8.15
CA GLY C 93 -5.24 -9.97 -7.83
C GLY C 93 -6.20 -10.15 -9.00
N SER C 94 -6.86 -11.29 -9.10
CA SER C 94 -7.69 -11.59 -10.28
C SER C 94 -8.88 -12.45 -9.83
N GLU C 95 -10.04 -12.27 -10.48
CA GLU C 95 -11.25 -13.03 -10.16
C GLU C 95 -11.79 -13.70 -11.42
N ASP C 96 -11.94 -15.03 -11.38
CA ASP C 96 -12.36 -15.80 -12.56
C ASP C 96 -13.82 -16.27 -12.39
N GLY C 97 -14.44 -15.94 -11.27
CA GLY C 97 -15.75 -16.48 -10.90
C GLY C 97 -16.67 -15.47 -10.24
N THR C 98 -17.38 -15.94 -9.22
CA THR C 98 -18.45 -15.18 -8.61
C THR C 98 -18.23 -14.99 -7.12
N ASP C 99 -17.23 -15.63 -6.47
CA ASP C 99 -17.04 -15.47 -5.05
C ASP C 99 -16.29 -14.20 -4.62
N ASN C 100 -15.60 -13.55 -5.55
CA ASN C 100 -14.92 -12.29 -5.30
C ASN C 100 -13.83 -12.41 -4.24
N ASP C 101 -13.05 -13.48 -4.29
CA ASP C 101 -11.89 -13.58 -3.41
C ASP C 101 -10.68 -12.91 -4.07
N TYR C 102 -10.73 -12.71 -5.39
CA TYR C 102 -9.67 -12.01 -6.14
C TYR C 102 -8.29 -12.61 -5.91
N ASN C 103 -8.22 -13.90 -5.62
CA ASN C 103 -6.94 -14.57 -5.39
C ASN C 103 -6.73 -15.68 -6.43
N ASP C 104 -7.58 -15.76 -7.47
CA ASP C 104 -7.58 -16.90 -8.37
C ASP C 104 -6.22 -17.03 -9.05
N ALA C 105 -5.70 -15.92 -9.55
CA ALA C 105 -4.27 -15.79 -9.83
C ALA C 105 -3.81 -14.53 -9.09
N VAL C 106 -2.70 -14.62 -8.39
CA VAL C 106 -2.11 -13.46 -7.66
C VAL C 106 -0.73 -13.28 -8.27
N VAL C 107 -0.39 -12.05 -8.65
CA VAL C 107 0.88 -11.78 -9.28
C VAL C 107 1.62 -10.75 -8.43
N VAL C 108 2.90 -11.01 -8.19
CA VAL C 108 3.78 -10.07 -7.48
C VAL C 108 4.99 -9.75 -8.37
N ILE C 109 5.18 -8.45 -8.63
CA ILE C 109 6.33 -7.91 -9.35
C ILE C 109 7.18 -7.20 -8.31
N ASN C 110 8.49 -7.50 -8.31
CA ASN C 110 9.37 -6.90 -7.33
C ASN C 110 10.63 -6.33 -7.97
N TRP C 111 11.04 -5.18 -7.46
CA TRP C 111 12.34 -4.60 -7.83
C TRP C 111 12.77 -3.64 -6.72
N PRO C 112 14.05 -3.28 -6.58
CA PRO C 112 15.12 -3.79 -7.42
C PRO C 112 15.53 -5.20 -7.12
N LEU C 113 16.31 -5.78 -8.05
CA LEU C 113 16.92 -7.08 -7.77
C LEU C 113 18.40 -6.93 -7.43
N GLY C 114 19.06 -8.05 -7.12
CA GLY C 114 20.52 -8.03 -6.99
C GLY C 114 21.04 -7.73 -5.56
N ALA D 1 10.03 1.60 14.72
CA ALA D 1 8.79 0.82 14.95
C ALA D 1 9.05 -0.63 14.59
N THR D 2 8.30 -1.51 15.26
CA THR D 2 8.36 -2.94 14.93
C THR D 2 7.97 -3.15 13.47
N GLN D 3 8.64 -4.09 12.79
CA GLN D 3 8.36 -4.44 11.41
C GLN D 3 8.41 -5.99 11.29
N GLY D 4 7.70 -6.53 10.31
CA GLY D 4 7.66 -7.96 10.06
C GLY D 4 6.66 -8.70 10.93
N VAL D 5 5.81 -7.95 11.64
CA VAL D 5 4.76 -8.54 12.50
C VAL D 5 3.39 -8.22 11.91
N PHE D 6 2.54 -9.25 11.79
CA PHE D 6 1.23 -9.08 11.18
C PHE D 6 0.19 -9.82 12.00
N THR D 7 -1.00 -9.21 12.10
CA THR D 7 -2.10 -9.86 12.80
C THR D 7 -3.02 -10.40 11.71
N LEU D 8 -3.16 -11.73 11.61
CA LEU D 8 -4.08 -12.32 10.68
C LEU D 8 -5.32 -12.74 11.49
N PRO D 9 -6.47 -12.98 10.85
CA PRO D 9 -7.60 -13.59 11.55
C PRO D 9 -7.12 -14.94 12.04
N ALA D 10 -7.75 -15.44 13.13
CA ALA D 10 -7.41 -16.72 13.64
C ALA D 10 -7.76 -17.83 12.66
N ASN D 11 -6.93 -18.89 12.71
CA ASN D 11 -7.21 -20.12 11.96
C ASN D 11 -7.32 -19.85 10.47
N THR D 12 -6.41 -19.07 9.92
CA THR D 12 -6.43 -18.65 8.53
C THR D 12 -5.24 -19.23 7.79
N ARG D 13 -5.53 -19.95 6.70
CA ARG D 13 -4.48 -20.46 5.84
C ARG D 13 -3.86 -19.28 5.07
N PHE D 14 -2.54 -19.21 5.01
CA PHE D 14 -1.85 -18.14 4.31
C PHE D 14 -0.63 -18.70 3.61
N GLY D 15 -0.29 -18.08 2.47
CA GLY D 15 0.94 -18.39 1.72
C GLY D 15 2.06 -17.49 2.22
N VAL D 16 3.29 -18.08 2.32
CA VAL D 16 4.49 -17.26 2.53
C VAL D 16 5.55 -17.75 1.55
N THR D 17 6.17 -16.78 0.88
CA THR D 17 7.13 -17.04 -0.20
C THR D 17 8.31 -16.09 -0.04
N ALA D 18 9.53 -16.60 -0.19
CA ALA D 18 10.72 -15.77 -0.02
C ALA D 18 11.61 -15.77 -1.24
N PHE D 19 12.19 -14.61 -1.52
CA PHE D 19 13.16 -14.44 -2.59
C PHE D 19 14.49 -13.91 -2.05
N ALA D 20 15.60 -14.22 -2.73
CA ALA D 20 16.93 -13.78 -2.27
C ALA D 20 17.61 -12.91 -3.33
N ASN D 21 18.28 -11.83 -2.83
CA ASN D 21 18.98 -10.89 -3.71
C ASN D 21 20.21 -10.36 -2.94
N SER D 22 21.19 -11.21 -2.68
CA SER D 22 22.34 -10.84 -1.88
C SER D 22 23.48 -11.84 -2.05
N SER D 23 24.71 -11.41 -1.73
CA SER D 23 25.81 -12.34 -1.59
C SER D 23 25.65 -13.18 -0.32
N GLY D 24 24.97 -12.62 0.66
CA GLY D 24 24.74 -13.29 1.94
C GLY D 24 23.66 -14.37 1.84
N THR D 25 23.92 -15.50 2.56
CA THR D 25 22.97 -16.57 2.62
C THR D 25 21.87 -16.17 3.60
N GLN D 26 20.62 -16.13 3.12
CA GLN D 26 19.50 -15.68 3.92
C GLN D 26 18.89 -16.85 4.66
N THR D 27 18.53 -16.63 5.94
CA THR D 27 17.68 -17.51 6.70
C THR D 27 16.40 -16.75 7.01
N VAL D 28 15.26 -17.29 6.57
CA VAL D 28 13.97 -16.68 6.84
C VAL D 28 13.20 -17.61 7.75
N ASN D 29 12.86 -17.10 8.92
CA ASN D 29 12.01 -17.84 9.84
C ASN D 29 10.66 -17.18 9.88
N VAL D 30 9.62 -18.01 9.77
CA VAL D 30 8.25 -17.54 9.89
C VAL D 30 7.70 -18.13 11.17
N LEU D 31 7.31 -17.23 12.07
CA LEU D 31 6.81 -17.63 13.37
C LEU D 31 5.29 -17.52 13.31
N VAL D 32 4.63 -18.49 13.95
CA VAL D 32 3.23 -18.39 14.22
C VAL D 32 3.09 -18.60 15.74
N ASN D 33 2.39 -17.66 16.40
CA ASN D 33 2.25 -17.72 17.87
C ASN D 33 3.62 -17.79 18.55
N ASN D 34 4.56 -17.00 18.04
CA ASN D 34 5.91 -16.85 18.55
C ASN D 34 6.71 -18.15 18.45
N GLU D 35 6.28 -19.11 17.62
CA GLU D 35 7.00 -20.35 17.46
C GLU D 35 7.34 -20.54 15.99
N THR D 36 8.54 -21.05 15.71
CA THR D 36 8.96 -21.21 14.32
C THR D 36 8.05 -22.21 13.61
N ALA D 37 7.39 -21.79 12.52
CA ALA D 37 6.46 -22.64 11.78
C ALA D 37 7.02 -23.04 10.42
N ALA D 38 7.97 -22.24 9.91
CA ALA D 38 8.66 -22.59 8.69
C ALA D 38 10.04 -21.92 8.74
N THR D 39 11.04 -22.59 8.16
CA THR D 39 12.37 -22.00 8.00
C THR D 39 12.84 -22.22 6.57
N PHE D 40 13.33 -21.16 5.95
CA PHE D 40 13.76 -21.18 4.56
C PHE D 40 15.20 -20.68 4.55
N SER D 41 16.04 -21.20 3.67
CA SER D 41 17.33 -20.61 3.45
C SER D 41 17.71 -20.70 1.97
N GLY D 42 18.58 -19.76 1.57
CA GLY D 42 19.18 -19.87 0.27
C GLY D 42 20.05 -18.66 -0.02
N GLN D 43 20.66 -18.70 -1.21
CA GLN D 43 21.51 -17.59 -1.64
C GLN D 43 21.31 -17.38 -3.14
N SER D 44 21.04 -16.15 -3.54
CA SER D 44 20.90 -15.78 -4.93
C SER D 44 21.12 -14.27 -5.02
N THR D 45 21.67 -13.83 -6.17
CA THR D 45 21.63 -12.41 -6.53
C THR D 45 20.66 -12.19 -7.69
N ASN D 46 19.76 -13.15 -7.93
CA ASN D 46 18.88 -13.08 -9.10
C ASN D 46 17.44 -13.39 -8.70
N ASN D 47 17.05 -13.07 -7.46
CA ASN D 47 15.65 -13.14 -7.04
C ASN D 47 15.11 -14.59 -7.03
N ALA D 48 15.97 -15.59 -6.83
CA ALA D 48 15.47 -16.98 -6.79
C ALA D 48 14.51 -17.13 -5.63
N VAL D 49 13.47 -17.91 -5.86
CA VAL D 49 12.62 -18.36 -4.74
C VAL D 49 13.44 -19.29 -3.84
N ILE D 50 13.51 -19.00 -2.56
CA ILE D 50 14.27 -19.81 -1.61
C ILE D 50 13.31 -20.51 -0.66
N GLY D 51 11.99 -20.23 -0.80
CA GLY D 51 11.03 -21.01 -0.03
C GLY D 51 9.62 -20.62 -0.41
N THR D 52 8.66 -21.54 -0.31
CA THR D 52 7.25 -21.18 -0.39
C THR D 52 6.53 -22.26 0.39
N GLN D 53 5.51 -21.85 1.12
CA GLN D 53 4.81 -22.76 2.00
C GLN D 53 3.44 -22.25 2.32
N VAL D 54 2.57 -23.16 2.75
CA VAL D 54 1.24 -22.78 3.21
C VAL D 54 1.18 -23.09 4.70
N LEU D 55 0.81 -22.08 5.49
CA LEU D 55 0.73 -22.20 6.94
C LEU D 55 -0.65 -21.79 7.43
N ASN D 56 -0.85 -22.02 8.70
CA ASN D 56 -2.10 -21.64 9.36
C ASN D 56 -1.79 -20.64 10.49
N SER D 57 -2.52 -19.54 10.53
CA SER D 57 -2.35 -18.49 11.53
C SER D 57 -2.63 -19.01 12.95
N GLY D 58 -3.40 -20.07 13.08
CA GLY D 58 -3.68 -20.74 14.35
C GLY D 58 -4.55 -19.86 15.27
N SER D 59 -4.60 -20.22 16.54
CA SER D 59 -5.54 -19.55 17.45
C SER D 59 -5.16 -18.09 17.73
N SER D 60 -3.85 -17.73 17.64
CA SER D 60 -3.39 -16.41 18.01
C SER D 60 -3.55 -15.44 16.85
N GLY D 61 -3.43 -15.93 15.63
CA GLY D 61 -3.39 -15.04 14.48
C GLY D 61 -2.07 -14.30 14.35
N LYS D 62 -1.09 -14.64 15.21
CA LYS D 62 0.12 -13.80 15.25
C LYS D 62 1.16 -14.35 14.28
N VAL D 63 1.54 -13.58 13.25
CA VAL D 63 2.55 -14.04 12.28
C VAL D 63 3.75 -13.06 12.29
N GLN D 64 4.97 -13.61 12.39
CA GLN D 64 6.16 -12.79 12.38
C GLN D 64 7.17 -13.35 11.42
N VAL D 65 7.79 -12.47 10.63
CA VAL D 65 8.89 -12.85 9.78
C VAL D 65 10.18 -12.31 10.39
N GLN D 66 11.19 -13.17 10.49
CA GLN D 66 12.53 -12.76 10.90
C GLN D 66 13.52 -13.17 9.80
N VAL D 67 14.49 -12.30 9.55
CA VAL D 67 15.54 -12.63 8.57
C VAL D 67 16.90 -12.44 9.21
N SER D 68 17.79 -13.41 9.01
CA SER D 68 19.17 -13.27 9.47
C SER D 68 20.15 -13.80 8.42
N VAL D 69 21.37 -13.27 8.49
CA VAL D 69 22.46 -13.67 7.64
C VAL D 69 23.67 -13.92 8.52
N ASN D 70 24.25 -15.14 8.47
CA ASN D 70 25.47 -15.42 9.25
C ASN D 70 25.25 -15.12 10.74
N GLY D 71 24.03 -15.37 11.24
CA GLY D 71 23.64 -15.21 12.61
C GLY D 71 23.25 -13.77 12.98
N ARG D 72 23.31 -12.85 12.04
CA ARG D 72 23.01 -11.44 12.35
C ARG D 72 21.62 -11.11 11.80
N PRO D 73 20.71 -10.61 12.64
CA PRO D 73 19.39 -10.19 12.17
C PRO D 73 19.52 -9.05 11.18
N SER D 74 18.76 -9.17 10.10
CA SER D 74 18.69 -8.14 9.10
C SER D 74 17.71 -7.06 9.58
N ASP D 75 17.89 -5.83 9.11
CA ASP D 75 16.94 -4.75 9.37
C ASP D 75 15.72 -4.92 8.45
N LEU D 76 14.51 -4.94 9.04
CA LEU D 76 13.29 -5.19 8.27
C LEU D 76 12.52 -3.94 7.92
N VAL D 77 11.79 -4.02 6.78
CA VAL D 77 10.75 -3.03 6.45
C VAL D 77 9.52 -3.84 6.05
N SER D 78 8.32 -3.33 6.35
CA SER D 78 7.12 -4.12 6.11
C SER D 78 5.90 -3.19 5.99
N ALA D 79 4.87 -3.75 5.35
CA ALA D 79 3.57 -3.13 5.30
C ALA D 79 2.56 -4.17 4.87
N GLN D 80 1.27 -3.84 5.12
CA GLN D 80 0.17 -4.66 4.68
C GLN D 80 -0.70 -3.84 3.75
N VAL D 81 -1.11 -4.45 2.63
CA VAL D 81 -1.98 -3.77 1.67
C VAL D 81 -3.16 -4.67 1.41
N ILE D 82 -4.36 -4.06 1.30
CA ILE D 82 -5.61 -4.76 1.06
C ILE D 82 -6.23 -4.20 -0.21
N LEU D 83 -6.55 -5.13 -1.13
CA LEU D 83 -7.15 -4.78 -2.40
C LEU D 83 -8.60 -5.23 -2.44
N THR D 84 -9.48 -4.37 -3.01
CA THR D 84 -10.93 -4.61 -3.09
C THR D 84 -11.47 -5.17 -1.76
N ASN D 85 -10.93 -4.66 -0.66
CA ASN D 85 -11.44 -4.92 0.68
C ASN D 85 -11.42 -6.42 1.01
N GLU D 86 -10.55 -7.20 0.35
CA GLU D 86 -10.63 -8.66 0.39
C GLU D 86 -9.24 -9.29 0.32
N LEU D 87 -8.43 -8.87 -0.65
CA LEU D 87 -7.17 -9.53 -0.92
C LEU D 87 -6.03 -8.87 -0.11
N ASN D 88 -5.32 -9.70 0.69
CA ASN D 88 -4.35 -9.20 1.63
C ASN D 88 -2.94 -9.59 1.20
N PHE D 89 -2.06 -8.62 1.26
CA PHE D 89 -0.63 -8.85 1.11
C PHE D 89 0.07 -8.29 2.34
N ALA D 90 0.92 -9.12 2.95
CA ALA D 90 1.85 -8.66 3.98
C ALA D 90 3.26 -8.81 3.40
N LEU D 91 3.96 -7.68 3.30
CA LEU D 91 5.19 -7.58 2.55
C LEU D 91 6.35 -7.25 3.49
N VAL D 92 7.53 -7.90 3.22
CA VAL D 92 8.71 -7.73 4.02
C VAL D 92 9.90 -7.56 3.09
N GLY D 93 10.72 -6.56 3.41
CA GLY D 93 12.04 -6.42 2.84
C GLY D 93 13.04 -6.45 3.96
N SER D 94 14.33 -6.66 3.62
CA SER D 94 15.33 -6.87 4.63
C SER D 94 16.67 -6.39 4.08
N GLU D 95 17.52 -5.84 4.98
CA GLU D 95 18.83 -5.33 4.63
C GLU D 95 19.89 -6.03 5.50
N ASP D 96 20.90 -6.66 4.85
CA ASP D 96 21.92 -7.41 5.55
C ASP D 96 23.27 -6.69 5.52
N GLY D 97 23.31 -5.52 4.90
CA GLY D 97 24.57 -4.88 4.55
C GLY D 97 24.47 -3.35 4.67
N THR D 98 25.14 -2.66 3.74
CA THR D 98 25.31 -1.23 3.82
C THR D 98 24.75 -0.49 2.60
N ASP D 99 24.23 -1.17 1.59
CA ASP D 99 23.75 -0.49 0.36
C ASP D 99 22.32 -0.02 0.48
N ASN D 100 21.57 -0.52 1.46
CA ASN D 100 20.21 -0.10 1.70
C ASN D 100 19.30 -0.34 0.52
N ASP D 101 19.42 -1.51 -0.13
CA ASP D 101 18.46 -1.86 -1.19
C ASP D 101 17.25 -2.57 -0.57
N TYR D 102 17.41 -3.11 0.63
CA TYR D 102 16.32 -3.77 1.38
C TYR D 102 15.62 -4.90 0.59
N ASN D 103 16.39 -5.57 -0.27
CA ASN D 103 15.86 -6.66 -1.07
C ASN D 103 16.57 -7.96 -0.78
N ASP D 104 17.43 -7.98 0.26
CA ASP D 104 18.34 -9.11 0.46
C ASP D 104 17.55 -10.40 0.63
N ALA D 105 16.53 -10.36 1.50
CA ALA D 105 15.47 -11.32 1.45
C ALA D 105 14.17 -10.53 1.35
N VAL D 106 13.31 -10.94 0.42
CA VAL D 106 12.00 -10.33 0.23
C VAL D 106 10.98 -11.43 0.51
N VAL D 107 10.04 -11.14 1.39
CA VAL D 107 9.07 -12.13 1.81
C VAL D 107 7.66 -11.60 1.53
N VAL D 108 6.85 -12.42 0.85
CA VAL D 108 5.45 -12.06 0.59
C VAL D 108 4.55 -13.08 1.28
N ILE D 109 3.61 -12.57 2.09
CA ILE D 109 2.55 -13.33 2.73
C ILE D 109 1.24 -12.91 2.09
N ASN D 110 0.44 -13.91 1.70
CA ASN D 110 -0.80 -13.63 0.99
C ASN D 110 -1.92 -14.47 1.57
N TRP D 111 -3.07 -13.83 1.68
CA TRP D 111 -4.31 -14.52 2.06
C TRP D 111 -5.48 -13.69 1.57
N PRO D 112 -6.70 -14.27 1.42
CA PRO D 112 -6.96 -15.69 1.59
C PRO D 112 -6.40 -16.55 0.47
N LEU D 113 -6.32 -17.85 0.77
CA LEU D 113 -6.02 -18.85 -0.23
C LEU D 113 -7.31 -19.57 -0.65
N GLY D 114 -7.19 -20.55 -1.54
CA GLY D 114 -8.34 -21.34 -1.91
C GLY D 114 -9.10 -20.85 -3.09
#